data_2GWX
#
_entry.id   2GWX
#
_cell.length_a   39.772
_cell.length_b   94.222
_cell.length_c   96.701
_cell.angle_alpha   90.00
_cell.angle_beta   97.77
_cell.angle_gamma   90.00
#
_symmetry.space_group_name_H-M   'P 1 21 1'
#
loop_
_entity.id
_entity.type
_entity.pdbx_description
1 polymer 'PROTEIN (PPAR-DELTA)'
2 water water
#
_entity_poly.entity_id   1
_entity_poly.type   'polypeptide(L)'
_entity_poly.pdbx_seq_one_letter_code
;LKAFSKHIYNAYLKNFNMTKKKARSILTGKASHTAPFVIHDIETLWQAEKGLVWKQLVNGLPPYKEISVHVFYRCQCTTV
ETVRELTEFAKSIPSFSSLFLNDQVTLLKYGVHEAIFAMLASIVNKDGLLVANGSGFVTREFLRSLRKPFSDIIEPKFEF
AVKFNALELDDSDLALFIAAIILCGDRPGLMNVPRVEAIQDTILRALEFHLQANHPDAQQLFPKLLQKMADLRQLVTEHA
QMMQRIKKTETETSLHPLLQEIYKDMY
;
_entity_poly.pdbx_strand_id   A,B
#
# COMPACT_ATOMS: atom_id res chain seq x y z
N LEU A 1 32.15 -16.43 -26.82
CA LEU A 1 30.91 -15.92 -27.48
C LEU A 1 29.79 -15.87 -26.42
N LYS A 2 29.81 -16.79 -25.46
CA LYS A 2 28.80 -16.76 -24.43
C LYS A 2 29.22 -15.80 -23.32
N ALA A 3 30.51 -15.45 -23.30
CA ALA A 3 31.01 -14.51 -22.32
C ALA A 3 30.54 -13.13 -22.81
N PHE A 4 30.46 -13.00 -24.13
CA PHE A 4 30.00 -11.77 -24.78
C PHE A 4 28.50 -11.67 -24.53
N SER A 5 27.87 -12.82 -24.43
CA SER A 5 26.44 -12.94 -24.19
C SER A 5 26.09 -12.51 -22.77
N LYS A 6 26.88 -12.95 -21.79
CA LYS A 6 26.64 -12.60 -20.41
C LYS A 6 26.87 -11.11 -20.18
N HIS A 7 27.76 -10.52 -20.95
CA HIS A 7 28.06 -9.11 -20.82
C HIS A 7 26.86 -8.28 -21.33
N ILE A 8 26.12 -8.85 -22.28
CA ILE A 8 24.96 -8.18 -22.85
C ILE A 8 23.77 -8.33 -21.90
N TYR A 9 23.66 -9.51 -21.29
CA TYR A 9 22.61 -9.82 -20.33
C TYR A 9 22.74 -8.92 -19.09
N ASN A 10 23.98 -8.66 -18.66
CA ASN A 10 24.20 -7.83 -17.48
C ASN A 10 23.92 -6.37 -17.82
N ALA A 11 24.21 -5.98 -19.06
CA ALA A 11 23.94 -4.61 -19.49
C ALA A 11 22.43 -4.41 -19.42
N TYR A 12 21.70 -5.50 -19.71
CA TYR A 12 20.24 -5.53 -19.71
C TYR A 12 19.74 -5.42 -18.28
N LEU A 13 20.27 -6.27 -17.41
CA LEU A 13 19.85 -6.27 -16.01
C LEU A 13 20.10 -4.94 -15.32
N LYS A 14 21.14 -4.24 -15.75
CA LYS A 14 21.49 -2.97 -15.14
C LYS A 14 20.73 -1.75 -15.68
N ASN A 15 20.18 -1.84 -16.89
CA ASN A 15 19.52 -0.68 -17.47
C ASN A 15 17.99 -0.71 -17.60
N PHE A 16 17.39 -1.89 -17.47
CA PHE A 16 15.94 -1.97 -17.58
C PHE A 16 15.27 -2.10 -16.23
N ASN A 17 14.28 -1.25 -15.97
CA ASN A 17 13.56 -1.27 -14.71
C ASN A 17 12.65 -2.49 -14.53
N MET A 18 12.10 -2.97 -15.64
CA MET A 18 11.22 -4.13 -15.60
C MET A 18 11.78 -5.29 -16.44
N THR A 19 11.87 -6.48 -15.85
CA THR A 19 12.34 -7.65 -16.57
C THR A 19 11.15 -8.60 -16.72
N LYS A 20 11.23 -9.53 -17.67
CA LYS A 20 10.14 -10.46 -17.89
C LYS A 20 9.95 -11.32 -16.65
N LYS A 21 11.06 -11.72 -16.04
CA LYS A 21 11.01 -12.53 -14.83
C LYS A 21 10.07 -11.85 -13.84
N LYS A 22 10.44 -10.63 -13.46
CA LYS A 22 9.68 -9.83 -12.51
C LYS A 22 8.24 -9.58 -12.97
N ALA A 23 8.05 -9.35 -14.27
CA ALA A 23 6.71 -9.09 -14.80
C ALA A 23 5.85 -10.33 -14.68
N ARG A 24 6.44 -11.48 -14.98
CA ARG A 24 5.69 -12.73 -14.92
C ARG A 24 5.28 -13.11 -13.51
N SER A 25 6.08 -12.69 -12.52
CA SER A 25 5.77 -13.03 -11.15
C SER A 25 4.64 -12.17 -10.62
N ILE A 26 4.34 -11.08 -11.31
CA ILE A 26 3.26 -10.21 -10.87
C ILE A 26 1.89 -10.72 -11.33
N LEU A 27 1.73 -10.99 -12.62
CA LEU A 27 0.46 -11.51 -13.10
C LEU A 27 0.30 -12.98 -12.70
N THR A 28 1.30 -13.51 -12.01
CA THR A 28 1.29 -14.89 -11.53
C THR A 28 1.28 -15.98 -12.58
N GLY A 29 2.46 -16.49 -12.89
CA GLY A 29 2.59 -17.57 -13.85
C GLY A 29 2.77 -18.84 -13.03
N LYS A 30 3.36 -18.66 -11.85
CA LYS A 30 3.63 -19.72 -10.90
C LYS A 30 4.14 -19.10 -9.59
N ALA A 31 5.12 -18.22 -9.72
CA ALA A 31 5.77 -17.57 -8.57
C ALA A 31 5.21 -16.24 -8.09
N SER A 32 3.89 -16.09 -8.11
CA SER A 32 3.29 -14.86 -7.64
C SER A 32 4.14 -14.02 -6.70
N HIS A 33 4.00 -12.69 -6.80
CA HIS A 33 4.71 -11.74 -5.94
C HIS A 33 3.71 -10.89 -5.16
N THR A 34 3.22 -9.84 -5.81
CA THR A 34 2.25 -8.89 -5.22
C THR A 34 1.28 -8.12 -6.19
N ALA A 35 0.31 -7.41 -5.56
CA ALA A 35 -0.88 -6.55 -5.93
C ALA A 35 -1.65 -5.91 -7.19
N PRO A 36 -0.98 -5.35 -8.18
CA PRO A 36 -1.61 -4.71 -9.36
C PRO A 36 -3.09 -4.22 -9.34
N PHE A 37 -3.29 -2.89 -9.33
CA PHE A 37 -4.61 -2.24 -9.34
C PHE A 37 -5.16 -2.25 -10.77
N VAL A 38 -6.40 -2.72 -10.97
CA VAL A 38 -6.96 -2.81 -12.33
C VAL A 38 -7.73 -1.60 -12.88
N ILE A 39 -7.19 -1.03 -13.95
CA ILE A 39 -7.80 0.11 -14.63
C ILE A 39 -8.54 -0.54 -15.78
N HIS A 40 -9.88 -0.49 -15.75
CA HIS A 40 -10.69 -1.12 -16.78
C HIS A 40 -11.76 -0.17 -17.31
N ASP A 41 -11.83 1.02 -16.73
CA ASP A 41 -12.80 2.06 -17.15
C ASP A 41 -12.36 3.42 -16.67
N ILE A 42 -13.16 4.44 -16.95
CA ILE A 42 -12.82 5.81 -16.57
C ILE A 42 -12.68 6.00 -15.06
N GLU A 43 -13.58 5.40 -14.29
CA GLU A 43 -13.57 5.51 -12.83
C GLU A 43 -12.27 4.97 -12.22
N THR A 44 -11.87 3.77 -12.64
CA THR A 44 -10.63 3.18 -12.13
C THR A 44 -9.42 3.91 -12.66
N LEU A 45 -9.52 4.46 -13.88
CA LEU A 45 -8.41 5.21 -14.42
C LEU A 45 -8.23 6.44 -13.56
N TRP A 46 -9.34 7.08 -13.20
CA TRP A 46 -9.26 8.27 -12.36
C TRP A 46 -8.68 7.91 -11.00
N GLN A 47 -9.08 6.75 -10.48
CA GLN A 47 -8.61 6.29 -9.19
C GLN A 47 -7.13 5.98 -9.23
N ALA A 48 -6.66 5.46 -10.37
CA ALA A 48 -5.25 5.15 -10.53
C ALA A 48 -4.48 6.47 -10.57
N GLU A 49 -5.02 7.42 -11.33
CA GLU A 49 -4.40 8.73 -11.46
C GLU A 49 -4.45 9.53 -10.17
N LYS A 50 -4.58 8.81 -9.06
CA LYS A 50 -4.63 9.44 -7.74
C LYS A 50 -3.96 8.47 -6.78
N GLY A 51 -4.45 7.24 -6.80
CA GLY A 51 -3.94 6.19 -5.94
C GLY A 51 -2.52 5.74 -6.22
N LEU A 52 -2.29 5.07 -7.35
CA LEU A 52 -0.94 4.61 -7.67
C LEU A 52 -0.07 5.78 -8.12
N VAL A 53 -0.63 6.98 -8.00
CA VAL A 53 0.08 8.19 -8.37
C VAL A 53 0.56 8.12 -9.81
N TRP A 54 1.45 9.05 -10.15
CA TRP A 54 2.02 9.18 -11.49
C TRP A 54 2.62 10.59 -11.62
N LYS A 55 1.80 11.57 -11.27
CA LYS A 55 2.15 13.00 -11.32
C LYS A 55 3.14 13.41 -12.40
N GLN A 56 2.70 14.29 -13.28
CA GLN A 56 3.55 14.82 -14.36
C GLN A 56 2.65 15.48 -15.40
N LEU A 57 1.62 14.77 -15.83
CA LEU A 57 0.67 15.28 -16.84
C LEU A 57 -0.75 15.40 -16.25
N VAL A 58 -1.53 14.32 -16.34
CA VAL A 58 -2.89 14.28 -15.80
C VAL A 58 -3.69 15.58 -15.83
N ASN A 59 -3.88 16.17 -17.01
CA ASN A 59 -4.66 17.40 -17.11
C ASN A 59 -6.08 17.07 -17.57
N GLY A 60 -6.99 18.04 -17.50
CA GLY A 60 -8.38 17.84 -17.88
C GLY A 60 -8.68 16.98 -19.08
N LEU A 61 -9.97 16.80 -19.38
CA LEU A 61 -10.34 15.96 -20.52
C LEU A 61 -11.44 16.54 -21.40
N PRO A 62 -11.69 17.84 -21.33
CA PRO A 62 -12.71 18.46 -22.16
C PRO A 62 -12.14 19.45 -23.20
N PRO A 63 -11.61 20.61 -22.75
CA PRO A 63 -11.05 21.61 -23.68
C PRO A 63 -9.98 21.10 -24.67
N TYR A 64 -9.16 20.11 -24.27
CA TYR A 64 -8.12 19.62 -25.19
C TYR A 64 -7.48 18.29 -24.79
N LYS A 65 -8.21 17.57 -23.95
CA LYS A 65 -7.81 16.29 -23.45
C LYS A 65 -9.15 15.57 -23.40
N GLU A 66 -9.13 14.29 -23.09
CA GLU A 66 -10.34 13.49 -23.02
C GLU A 66 -9.75 12.17 -22.62
N ILE A 67 -10.58 11.27 -22.13
CA ILE A 67 -10.08 9.96 -21.71
C ILE A 67 -9.12 9.31 -22.72
N SER A 68 -9.49 9.26 -24.00
CA SER A 68 -8.66 8.65 -25.02
C SER A 68 -7.31 9.32 -25.31
N VAL A 69 -7.27 10.64 -25.26
CA VAL A 69 -6.03 11.38 -25.48
C VAL A 69 -5.10 11.23 -24.29
N HIS A 70 -5.68 11.24 -23.10
CA HIS A 70 -4.91 11.11 -21.87
C HIS A 70 -4.22 9.74 -21.85
N VAL A 71 -4.92 8.71 -22.30
CA VAL A 71 -4.31 7.38 -22.35
C VAL A 71 -3.15 7.38 -23.36
N PHE A 72 -3.33 8.09 -24.48
CA PHE A 72 -2.27 8.17 -25.50
C PHE A 72 -1.06 8.90 -24.93
N TYR A 73 -1.28 9.97 -24.16
CA TYR A 73 -0.16 10.68 -23.58
C TYR A 73 0.61 9.74 -22.66
N ARG A 74 -0.12 8.94 -21.88
CA ARG A 74 0.54 7.98 -20.98
C ARG A 74 1.39 7.01 -21.81
N CYS A 75 0.91 6.63 -23.00
CA CYS A 75 1.69 5.71 -23.84
C CYS A 75 2.99 6.40 -24.22
N GLN A 76 2.90 7.69 -24.54
CA GLN A 76 4.08 8.46 -24.90
C GLN A 76 5.09 8.55 -23.76
N CYS A 77 4.61 8.80 -22.54
CA CYS A 77 5.53 8.90 -21.40
C CYS A 77 6.31 7.59 -21.33
N THR A 78 5.55 6.49 -21.39
CA THR A 78 6.13 5.15 -21.34
C THR A 78 7.12 4.86 -22.47
N THR A 79 6.81 5.24 -23.71
CA THR A 79 7.75 4.94 -24.78
C THR A 79 9.00 5.82 -24.70
N VAL A 80 8.86 7.08 -24.28
CA VAL A 80 10.03 7.96 -24.17
C VAL A 80 10.98 7.46 -23.06
N GLU A 81 10.40 6.91 -21.99
CA GLU A 81 11.15 6.38 -20.85
C GLU A 81 11.93 5.12 -21.28
N THR A 82 11.27 4.25 -22.03
CA THR A 82 11.91 3.03 -22.50
C THR A 82 13.01 3.40 -23.50
N VAL A 83 12.83 4.50 -24.22
CA VAL A 83 13.87 4.93 -25.15
C VAL A 83 15.14 5.28 -24.34
N ARG A 84 14.99 5.99 -23.24
CA ARG A 84 16.15 6.32 -22.40
C ARG A 84 16.89 5.06 -21.92
N GLU A 85 16.15 4.03 -21.51
CA GLU A 85 16.77 2.79 -21.04
C GLU A 85 17.47 2.06 -22.17
N LEU A 86 16.81 2.00 -23.33
CA LEU A 86 17.39 1.34 -24.49
C LEU A 86 18.73 2.01 -24.84
N THR A 87 18.77 3.34 -24.74
CA THR A 87 19.98 4.10 -25.03
C THR A 87 21.10 3.68 -24.07
N GLU A 88 20.80 3.62 -22.79
CA GLU A 88 21.81 3.23 -21.81
C GLU A 88 22.21 1.78 -21.98
N PHE A 89 21.26 0.95 -22.42
CA PHE A 89 21.54 -0.46 -22.66
C PHE A 89 22.52 -0.55 -23.83
N ALA A 90 22.24 0.17 -24.90
CA ALA A 90 23.14 0.14 -26.06
C ALA A 90 24.53 0.67 -25.70
N LYS A 91 24.58 1.81 -25.01
CA LYS A 91 25.86 2.40 -24.60
C LYS A 91 26.66 1.47 -23.68
N SER A 92 25.97 0.59 -22.96
CA SER A 92 26.64 -0.34 -22.06
C SER A 92 27.34 -1.45 -22.80
N ILE A 93 27.13 -1.55 -24.10
CA ILE A 93 27.84 -2.58 -24.86
C ILE A 93 28.96 -1.90 -25.66
N PRO A 94 30.21 -2.23 -25.33
CA PRO A 94 31.45 -1.71 -25.93
C PRO A 94 31.44 -1.41 -27.43
N SER A 95 31.12 -2.41 -28.24
CA SER A 95 31.08 -2.21 -29.69
C SER A 95 30.14 -1.06 -30.06
N PHE A 96 28.99 -0.98 -29.42
CA PHE A 96 28.05 0.09 -29.73
C PHE A 96 28.66 1.46 -29.44
N SER A 97 29.33 1.59 -28.28
CA SER A 97 29.91 2.88 -27.90
C SER A 97 31.14 3.27 -28.71
N SER A 98 31.75 2.31 -29.39
CA SER A 98 32.92 2.57 -30.21
C SER A 98 32.53 3.30 -31.50
N LEU A 99 31.29 3.10 -31.93
CA LEU A 99 30.78 3.75 -33.14
C LEU A 99 30.64 5.25 -32.90
N PHE A 100 30.79 6.04 -33.95
CA PHE A 100 30.65 7.48 -33.83
C PHE A 100 29.22 7.83 -33.48
N LEU A 101 29.06 8.74 -32.51
CA LEU A 101 27.75 9.17 -32.01
C LEU A 101 26.64 9.35 -33.03
N ASN A 102 26.96 9.86 -34.23
CA ASN A 102 25.92 10.01 -35.23
C ASN A 102 25.39 8.62 -35.61
N ASP A 103 26.28 7.64 -35.79
CA ASP A 103 25.80 6.31 -36.10
C ASP A 103 24.96 5.74 -34.93
N GLN A 104 25.34 6.04 -33.69
CA GLN A 104 24.57 5.54 -32.55
C GLN A 104 23.15 6.10 -32.55
N VAL A 105 23.00 7.37 -32.94
CA VAL A 105 21.69 8.00 -32.98
C VAL A 105 20.87 7.39 -34.12
N THR A 106 21.51 7.16 -35.26
CA THR A 106 20.79 6.56 -36.38
C THR A 106 20.24 5.16 -36.02
N LEU A 107 21.06 4.36 -35.34
CA LEU A 107 20.67 3.01 -34.95
C LEU A 107 19.48 3.02 -34.01
N LEU A 108 19.54 3.87 -32.99
CA LEU A 108 18.47 4.01 -32.02
C LEU A 108 17.21 4.59 -32.66
N LYS A 109 17.39 5.52 -33.59
CA LYS A 109 16.24 6.13 -34.23
C LYS A 109 15.35 5.13 -34.96
N TYR A 110 15.96 4.21 -35.69
CA TYR A 110 15.22 3.23 -36.47
C TYR A 110 14.98 1.88 -35.80
N GLY A 111 15.55 1.65 -34.61
CA GLY A 111 15.32 0.37 -33.94
C GLY A 111 14.69 0.41 -32.55
N VAL A 112 14.53 1.60 -31.98
CA VAL A 112 13.98 1.67 -30.63
C VAL A 112 12.51 1.23 -30.56
N HIS A 113 11.69 1.53 -31.56
CA HIS A 113 10.31 1.07 -31.48
C HIS A 113 10.19 -0.44 -31.75
N GLU A 114 11.14 -1.02 -32.48
CA GLU A 114 11.08 -2.45 -32.73
C GLU A 114 11.41 -3.15 -31.40
N ALA A 115 12.38 -2.61 -30.68
CA ALA A 115 12.73 -3.19 -29.39
C ALA A 115 11.61 -2.96 -28.38
N ILE A 116 11.03 -1.75 -28.38
CA ILE A 116 9.99 -1.46 -27.43
C ILE A 116 8.87 -2.50 -27.60
N PHE A 117 8.46 -2.74 -28.84
CA PHE A 117 7.38 -3.69 -29.08
C PHE A 117 7.76 -5.13 -28.75
N ALA A 118 9.02 -5.48 -28.92
CA ALA A 118 9.43 -6.83 -28.54
C ALA A 118 9.34 -6.96 -27.00
N MET A 119 9.79 -5.92 -26.30
CA MET A 119 9.79 -5.91 -24.83
C MET A 119 8.40 -5.81 -24.22
N LEU A 120 7.50 -5.13 -24.92
CA LEU A 120 6.13 -4.97 -24.49
C LEU A 120 5.55 -6.34 -24.13
N ALA A 121 5.91 -7.35 -24.93
CA ALA A 121 5.43 -8.71 -24.72
C ALA A 121 5.67 -9.20 -23.28
N SER A 122 6.85 -8.90 -22.75
CA SER A 122 7.23 -9.30 -21.39
C SER A 122 6.20 -8.92 -20.32
N ILE A 123 5.51 -7.81 -20.52
CA ILE A 123 4.53 -7.36 -19.53
C ILE A 123 3.09 -7.49 -20.03
N VAL A 124 2.89 -8.34 -21.03
CA VAL A 124 1.57 -8.52 -21.62
C VAL A 124 1.03 -9.95 -21.55
N ASN A 125 -0.28 -10.08 -21.32
CA ASN A 125 -0.92 -11.39 -21.35
C ASN A 125 -2.20 -11.19 -22.17
N LYS A 126 -2.91 -12.28 -22.44
CA LYS A 126 -4.12 -12.21 -23.25
C LYS A 126 -5.11 -11.11 -22.89
N ASP A 127 -5.15 -10.74 -21.60
CA ASP A 127 -6.12 -9.75 -21.15
C ASP A 127 -5.66 -8.34 -20.85
N GLY A 128 -4.36 -8.09 -20.76
CA GLY A 128 -3.91 -6.75 -20.48
C GLY A 128 -2.41 -6.61 -20.27
N LEU A 129 -1.99 -5.46 -19.77
CA LEU A 129 -0.58 -5.22 -19.54
C LEU A 129 -0.37 -4.37 -18.30
N LEU A 130 0.79 -4.51 -17.68
CA LEU A 130 1.12 -3.75 -16.48
C LEU A 130 1.57 -2.35 -16.85
N VAL A 131 1.35 -1.41 -15.94
CA VAL A 131 1.76 -0.03 -16.12
C VAL A 131 2.29 0.42 -14.78
N ALA A 132 2.87 1.61 -14.76
CA ALA A 132 3.39 2.14 -13.51
C ALA A 132 4.26 1.10 -12.80
N ASN A 133 5.40 0.78 -13.41
CA ASN A 133 6.36 -0.16 -12.84
C ASN A 133 5.71 -1.40 -12.18
N GLY A 134 4.66 -1.93 -12.80
CA GLY A 134 4.01 -3.11 -12.26
C GLY A 134 2.93 -2.86 -11.22
N SER A 135 2.78 -1.62 -10.77
CA SER A 135 1.78 -1.31 -9.76
C SER A 135 0.35 -1.41 -10.29
N GLY A 136 0.18 -1.35 -11.61
CA GLY A 136 -1.16 -1.42 -12.18
C GLY A 136 -1.25 -2.36 -13.36
N PHE A 137 -2.47 -2.63 -13.79
CA PHE A 137 -2.75 -3.51 -14.91
C PHE A 137 -3.90 -2.86 -15.68
N VAL A 138 -3.67 -2.58 -16.96
CA VAL A 138 -4.69 -1.95 -17.81
C VAL A 138 -5.28 -3.06 -18.68
N THR A 139 -6.60 -3.21 -18.68
CA THR A 139 -7.22 -4.30 -19.46
C THR A 139 -7.25 -3.99 -20.93
N ARG A 140 -7.13 -5.05 -21.71
CA ARG A 140 -7.12 -5.00 -23.16
C ARG A 140 -8.44 -4.51 -23.71
N GLU A 141 -9.53 -4.89 -23.05
CA GLU A 141 -10.87 -4.49 -23.45
C GLU A 141 -11.05 -2.98 -23.27
N PHE A 142 -10.60 -2.44 -22.14
CA PHE A 142 -10.71 -1.01 -21.92
C PHE A 142 -9.99 -0.27 -23.05
N LEU A 143 -8.74 -0.63 -23.32
CA LEU A 143 -7.98 0.02 -24.40
C LEU A 143 -8.77 0.02 -25.72
N ARG A 144 -9.39 -1.12 -26.04
CA ARG A 144 -10.18 -1.25 -27.28
C ARG A 144 -11.38 -0.32 -27.32
N SER A 145 -11.86 0.07 -26.14
CA SER A 145 -13.03 0.93 -26.04
C SER A 145 -12.77 2.42 -26.31
N LEU A 146 -11.49 2.78 -26.45
CA LEU A 146 -11.10 4.17 -26.69
C LEU A 146 -11.56 4.65 -28.07
N ARG A 147 -11.55 5.96 -28.32
CA ARG A 147 -11.94 6.49 -29.63
C ARG A 147 -11.19 5.67 -30.69
N LYS A 148 -11.72 5.63 -31.91
CA LYS A 148 -11.12 4.82 -32.96
C LYS A 148 -9.71 5.14 -33.44
N PRO A 149 -9.14 6.29 -33.05
CA PRO A 149 -7.78 6.44 -33.59
C PRO A 149 -6.81 5.77 -32.62
N PHE A 150 -6.93 6.14 -31.35
CA PHE A 150 -6.09 5.66 -30.29
C PHE A 150 -6.38 4.23 -29.86
N SER A 151 -7.62 3.79 -30.01
CA SER A 151 -7.99 2.43 -29.63
C SER A 151 -7.45 1.35 -30.56
N ASP A 152 -6.96 1.71 -31.74
CA ASP A 152 -6.44 0.66 -32.60
C ASP A 152 -4.95 0.72 -32.90
N ILE A 153 -4.20 1.52 -32.15
CA ILE A 153 -2.77 1.56 -32.39
C ILE A 153 -2.14 0.55 -31.47
N ILE A 154 -2.81 0.30 -30.34
CA ILE A 154 -2.31 -0.64 -29.34
C ILE A 154 -2.74 -2.10 -29.57
N GLU A 155 -3.95 -2.32 -30.08
CA GLU A 155 -4.46 -3.67 -30.33
C GLU A 155 -3.52 -4.60 -31.12
N PRO A 156 -2.96 -4.14 -32.26
CA PRO A 156 -2.06 -5.01 -33.02
C PRO A 156 -0.82 -5.41 -32.24
N LYS A 157 -0.45 -4.61 -31.25
CA LYS A 157 0.70 -4.95 -30.43
C LYS A 157 0.39 -6.17 -29.58
N PHE A 158 -0.85 -6.27 -29.08
CA PHE A 158 -1.28 -7.40 -28.27
C PHE A 158 -1.21 -8.67 -29.10
N GLU A 159 -1.69 -8.61 -30.33
CA GLU A 159 -1.67 -9.77 -31.22
C GLU A 159 -0.24 -10.25 -31.41
N PHE A 160 0.71 -9.32 -31.48
CA PHE A 160 2.11 -9.72 -31.64
C PHE A 160 2.59 -10.36 -30.36
N ALA A 161 2.35 -9.67 -29.25
CA ALA A 161 2.78 -10.16 -27.93
C ALA A 161 2.36 -11.58 -27.62
N VAL A 162 1.06 -11.87 -27.73
CA VAL A 162 0.54 -13.21 -27.45
C VAL A 162 1.33 -14.24 -28.24
N LYS A 163 1.40 -14.06 -29.55
CA LYS A 163 2.15 -14.98 -30.39
C LYS A 163 3.65 -14.97 -30.06
N PHE A 164 4.17 -13.85 -29.54
CA PHE A 164 5.59 -13.79 -29.20
C PHE A 164 5.90 -14.52 -27.89
N ASN A 165 5.00 -14.40 -26.92
CA ASN A 165 5.21 -15.07 -25.62
C ASN A 165 5.11 -16.60 -25.72
N ALA A 166 4.58 -17.11 -26.81
CA ALA A 166 4.45 -18.56 -26.97
C ALA A 166 5.82 -19.20 -27.19
N LEU A 167 6.82 -18.40 -27.55
CA LEU A 167 8.17 -18.91 -27.76
C LEU A 167 8.85 -19.15 -26.41
N GLU A 168 8.25 -18.61 -25.37
CA GLU A 168 8.75 -18.78 -24.01
C GLU A 168 10.22 -18.38 -23.85
N LEU A 169 10.54 -17.15 -24.27
CA LEU A 169 11.89 -16.66 -24.12
C LEU A 169 12.08 -16.10 -22.70
N ASP A 170 13.32 -16.08 -22.23
CA ASP A 170 13.58 -15.51 -20.93
C ASP A 170 14.41 -14.22 -21.12
N ASP A 171 14.65 -13.50 -20.03
CA ASP A 171 15.40 -12.25 -20.08
C ASP A 171 16.77 -12.36 -20.75
N SER A 172 17.46 -13.49 -20.55
CA SER A 172 18.79 -13.65 -21.15
C SER A 172 18.63 -13.78 -22.66
N ASP A 173 17.55 -14.42 -23.09
CA ASP A 173 17.28 -14.56 -24.52
C ASP A 173 16.97 -13.16 -25.08
N LEU A 174 16.15 -12.42 -24.35
CA LEU A 174 15.74 -11.08 -24.77
C LEU A 174 16.90 -10.11 -24.85
N ALA A 175 17.86 -10.21 -23.91
CA ALA A 175 19.00 -9.28 -23.93
C ALA A 175 19.69 -9.31 -25.28
N LEU A 176 19.94 -10.51 -25.79
CA LEU A 176 20.60 -10.67 -27.09
C LEU A 176 19.68 -10.28 -28.26
N PHE A 177 18.41 -10.66 -28.17
CA PHE A 177 17.43 -10.37 -29.22
C PHE A 177 17.34 -8.84 -29.41
N ILE A 178 17.19 -8.11 -28.31
CA ILE A 178 17.11 -6.66 -28.40
C ILE A 178 18.41 -6.07 -28.95
N ALA A 179 19.55 -6.58 -28.49
CA ALA A 179 20.83 -6.07 -28.96
C ALA A 179 20.92 -6.27 -30.47
N ALA A 180 20.38 -7.39 -30.95
CA ALA A 180 20.38 -7.70 -32.38
C ALA A 180 19.50 -6.74 -33.18
N ILE A 181 18.35 -6.37 -32.62
CA ILE A 181 17.46 -5.43 -33.27
C ILE A 181 18.12 -4.03 -33.35
N ILE A 182 18.79 -3.61 -32.28
CA ILE A 182 19.43 -2.28 -32.29
C ILE A 182 20.65 -2.21 -33.20
N LEU A 183 21.46 -3.26 -33.23
CA LEU A 183 22.64 -3.26 -34.10
C LEU A 183 22.31 -3.91 -35.43
N CYS A 184 21.63 -3.12 -36.26
CA CYS A 184 21.13 -3.49 -37.58
C CYS A 184 21.82 -2.66 -38.65
N GLY A 185 22.68 -3.28 -39.45
CA GLY A 185 23.40 -2.56 -40.48
C GLY A 185 22.58 -2.18 -41.69
N ASP A 186 21.27 -2.27 -41.55
CA ASP A 186 20.36 -1.99 -42.65
C ASP A 186 19.58 -0.67 -42.49
N ARG A 187 19.90 0.08 -41.45
CA ARG A 187 19.21 1.36 -41.19
C ARG A 187 19.67 2.51 -42.10
N PRO A 188 18.71 3.33 -42.54
CA PRO A 188 18.92 4.50 -43.40
C PRO A 188 19.92 5.53 -42.85
N GLY A 189 20.83 5.97 -43.72
CA GLY A 189 21.82 6.94 -43.31
C GLY A 189 22.97 6.42 -42.47
N LEU A 190 23.08 5.11 -42.28
CA LEU A 190 24.19 4.58 -41.48
C LEU A 190 25.48 4.96 -42.18
N MET A 191 26.44 5.48 -41.42
CA MET A 191 27.71 5.87 -42.00
C MET A 191 28.68 4.69 -42.17
N ASN A 192 28.80 3.87 -41.13
CA ASN A 192 29.69 2.71 -41.14
C ASN A 192 28.94 1.36 -41.21
N VAL A 193 28.33 1.06 -42.35
CA VAL A 193 27.58 -0.18 -42.51
C VAL A 193 28.37 -1.47 -42.23
N PRO A 194 29.57 -1.60 -42.80
CA PRO A 194 30.36 -2.82 -42.58
C PRO A 194 30.59 -3.14 -41.11
N ARG A 195 30.98 -2.14 -40.33
CA ARG A 195 31.25 -2.33 -38.90
C ARG A 195 29.98 -2.81 -38.17
N VAL A 196 28.85 -2.20 -38.48
CA VAL A 196 27.58 -2.56 -37.85
C VAL A 196 27.21 -3.99 -38.21
N GLU A 197 27.23 -4.30 -39.51
CA GLU A 197 26.92 -5.66 -39.94
C GLU A 197 27.77 -6.65 -39.15
N ALA A 198 29.05 -6.33 -38.96
CA ALA A 198 29.96 -7.23 -38.24
C ALA A 198 29.54 -7.46 -36.80
N ILE A 199 29.15 -6.39 -36.11
CA ILE A 199 28.70 -6.52 -34.73
C ILE A 199 27.39 -7.33 -34.70
N GLN A 200 26.49 -7.07 -35.65
CA GLN A 200 25.20 -7.79 -35.70
C GLN A 200 25.44 -9.29 -35.86
N ASP A 201 26.20 -9.67 -36.89
CA ASP A 201 26.47 -11.08 -37.11
C ASP A 201 26.96 -11.77 -35.83
N THR A 202 27.82 -11.08 -35.09
CA THR A 202 28.36 -11.64 -33.85
C THR A 202 27.26 -11.84 -32.81
N ILE A 203 26.37 -10.86 -32.69
CA ILE A 203 25.26 -10.96 -31.75
C ILE A 203 24.36 -12.14 -32.11
N LEU A 204 24.12 -12.30 -33.41
CA LEU A 204 23.27 -13.38 -33.90
C LEU A 204 23.87 -14.77 -33.75
N ARG A 205 25.20 -14.87 -33.73
CA ARG A 205 25.85 -16.17 -33.56
C ARG A 205 25.87 -16.50 -32.07
N ALA A 206 25.92 -15.49 -31.24
CA ALA A 206 25.90 -15.73 -29.80
C ALA A 206 24.46 -16.09 -29.41
N LEU A 207 23.51 -15.49 -30.10
CA LEU A 207 22.12 -15.78 -29.81
C LEU A 207 21.83 -17.24 -30.16
N GLU A 208 22.26 -17.65 -31.34
CA GLU A 208 22.06 -19.01 -31.80
C GLU A 208 22.63 -20.04 -30.83
N PHE A 209 23.86 -19.83 -30.38
CA PHE A 209 24.48 -20.76 -29.45
C PHE A 209 23.81 -20.70 -28.09
N HIS A 210 23.35 -19.52 -27.70
CA HIS A 210 22.67 -19.35 -26.42
C HIS A 210 21.38 -20.18 -26.38
N LEU A 211 20.61 -20.15 -27.45
CA LEU A 211 19.38 -20.92 -27.50
C LEU A 211 19.74 -22.39 -27.43
N GLN A 212 20.80 -22.76 -28.15
CA GLN A 212 21.27 -24.13 -28.19
C GLN A 212 21.36 -24.64 -26.75
N ALA A 213 21.92 -23.83 -25.87
CA ALA A 213 22.03 -24.22 -24.47
C ALA A 213 20.71 -24.06 -23.71
N ASN A 214 20.18 -22.84 -23.69
CA ASN A 214 18.95 -22.47 -22.99
C ASN A 214 17.69 -23.23 -23.40
N HIS A 215 17.50 -23.42 -24.71
CA HIS A 215 16.32 -24.12 -25.22
C HIS A 215 16.78 -25.33 -26.05
N PRO A 216 17.41 -26.31 -25.39
CA PRO A 216 17.91 -27.51 -26.07
C PRO A 216 16.85 -28.37 -26.73
N ASP A 217 15.59 -28.15 -26.36
CA ASP A 217 14.50 -28.94 -26.91
C ASP A 217 13.63 -28.24 -27.95
N ALA A 218 13.74 -26.91 -28.04
CA ALA A 218 12.95 -26.14 -29.00
C ALA A 218 13.55 -26.22 -30.40
N GLN A 219 12.74 -26.63 -31.37
CA GLN A 219 13.19 -26.76 -32.75
C GLN A 219 12.83 -25.55 -33.61
N GLN A 220 13.77 -25.16 -34.47
CA GLN A 220 13.60 -24.02 -35.38
C GLN A 220 13.31 -22.69 -34.67
N LEU A 221 13.68 -22.60 -33.40
CA LEU A 221 13.47 -21.37 -32.63
C LEU A 221 14.28 -20.18 -33.17
N PHE A 222 15.57 -20.40 -33.46
CA PHE A 222 16.40 -19.32 -33.96
C PHE A 222 15.83 -18.75 -35.26
N PRO A 223 15.60 -19.61 -36.26
CA PRO A 223 15.05 -18.97 -37.46
C PRO A 223 13.71 -18.31 -37.14
N LYS A 224 12.99 -18.83 -36.15
CA LYS A 224 11.71 -18.26 -35.80
C LYS A 224 11.90 -16.85 -35.23
N LEU A 225 12.93 -16.66 -34.42
CA LEU A 225 13.20 -15.33 -33.86
C LEU A 225 13.60 -14.38 -34.98
N LEU A 226 14.19 -14.91 -36.04
CA LEU A 226 14.58 -14.10 -37.17
C LEU A 226 13.33 -13.58 -37.89
N GLN A 227 12.32 -14.43 -38.02
CA GLN A 227 11.09 -14.01 -38.69
C GLN A 227 10.39 -12.97 -37.84
N LYS A 228 10.55 -13.08 -36.52
CA LYS A 228 9.92 -12.12 -35.60
C LYS A 228 10.52 -10.74 -35.79
N MET A 229 11.84 -10.70 -35.99
CA MET A 229 12.53 -9.44 -36.20
C MET A 229 11.95 -8.80 -37.45
N ALA A 230 11.62 -9.63 -38.43
CA ALA A 230 11.05 -9.15 -39.68
C ALA A 230 9.63 -8.69 -39.43
N ASP A 231 8.89 -9.43 -38.62
CA ASP A 231 7.53 -9.03 -38.31
C ASP A 231 7.54 -7.70 -37.53
N LEU A 232 8.52 -7.55 -36.63
CA LEU A 232 8.62 -6.31 -35.85
C LEU A 232 8.85 -5.14 -36.80
N ARG A 233 9.61 -5.38 -37.87
CA ARG A 233 9.91 -4.36 -38.86
C ARG A 233 8.58 -3.85 -39.43
N GLN A 234 7.72 -4.79 -39.84
CA GLN A 234 6.41 -4.43 -40.40
C GLN A 234 5.46 -3.82 -39.36
N LEU A 235 5.57 -4.25 -38.11
CA LEU A 235 4.70 -3.71 -37.06
C LEU A 235 5.01 -2.23 -36.85
N VAL A 236 6.28 -1.87 -36.87
CA VAL A 236 6.67 -0.48 -36.68
C VAL A 236 6.26 0.34 -37.88
N THR A 237 6.31 -0.27 -39.06
CA THR A 237 5.90 0.41 -40.28
C THR A 237 4.43 0.81 -40.19
N GLU A 238 3.61 -0.10 -39.67
CA GLU A 238 2.19 0.18 -39.52
C GLU A 238 1.99 1.17 -38.38
N HIS A 239 2.79 1.03 -37.34
CA HIS A 239 2.68 1.94 -36.22
C HIS A 239 2.95 3.39 -36.68
N ALA A 240 4.03 3.60 -37.43
CA ALA A 240 4.35 4.93 -37.93
C ALA A 240 3.23 5.50 -38.81
N GLN A 241 2.63 4.65 -39.64
CA GLN A 241 1.55 5.07 -40.51
C GLN A 241 0.39 5.58 -39.66
N MET A 242 0.17 4.93 -38.52
CA MET A 242 -0.91 5.34 -37.63
C MET A 242 -0.55 6.63 -36.91
N MET A 243 0.73 6.79 -36.57
CA MET A 243 1.17 8.00 -35.88
C MET A 243 1.04 9.17 -36.85
N GLN A 244 1.19 8.87 -38.14
CA GLN A 244 1.09 9.88 -39.20
C GLN A 244 -0.33 10.42 -39.27
N ARG A 245 -1.29 9.52 -39.22
CA ARG A 245 -2.69 9.92 -39.28
C ARG A 245 -3.11 10.73 -38.04
N ILE A 246 -2.58 10.38 -36.87
CA ILE A 246 -2.94 11.11 -35.65
C ILE A 246 -2.40 12.53 -35.76
N LYS A 247 -1.20 12.68 -36.31
CA LYS A 247 -0.59 13.99 -36.49
C LYS A 247 -1.39 14.85 -37.50
N LYS A 248 -1.96 14.19 -38.50
CA LYS A 248 -2.73 14.85 -39.54
C LYS A 248 -4.16 15.17 -39.13
N THR A 249 -4.81 14.23 -38.45
CA THR A 249 -6.21 14.38 -38.05
C THR A 249 -6.50 14.72 -36.58
N GLU A 250 -5.55 14.47 -35.69
CA GLU A 250 -5.79 14.78 -34.26
C GLU A 250 -5.02 16.03 -33.84
N THR A 251 -5.49 17.19 -34.32
CA THR A 251 -4.90 18.50 -34.07
C THR A 251 -4.73 18.95 -32.62
N GLU A 252 -5.53 18.40 -31.70
CA GLU A 252 -5.44 18.81 -30.31
C GLU A 252 -4.44 17.99 -29.49
N THR A 253 -4.10 16.79 -29.97
CA THR A 253 -3.17 15.94 -29.23
C THR A 253 -1.72 16.38 -29.47
N SER A 254 -1.00 16.65 -28.39
CA SER A 254 0.38 17.06 -28.54
C SER A 254 1.26 15.83 -28.74
N LEU A 255 2.42 16.03 -29.35
CA LEU A 255 3.34 14.93 -29.58
C LEU A 255 4.69 15.28 -28.97
N HIS A 256 5.23 14.37 -28.17
CA HIS A 256 6.52 14.61 -27.53
C HIS A 256 7.52 14.93 -28.63
N PRO A 257 8.33 15.98 -28.43
CA PRO A 257 9.32 16.37 -29.44
C PRO A 257 10.33 15.29 -29.83
N LEU A 258 10.75 14.45 -28.88
CA LEU A 258 11.71 13.38 -29.16
C LEU A 258 11.11 12.36 -30.11
N LEU A 259 9.87 11.97 -29.82
CA LEU A 259 9.16 11.02 -30.66
C LEU A 259 8.91 11.69 -32.01
N GLN A 260 8.91 13.02 -32.03
CA GLN A 260 8.71 13.75 -33.27
C GLN A 260 9.96 13.68 -34.14
N GLU A 261 11.12 13.64 -33.50
CA GLU A 261 12.40 13.53 -34.19
C GLU A 261 12.62 12.15 -34.79
N ILE A 262 11.95 11.14 -34.25
CA ILE A 262 12.10 9.76 -34.73
C ILE A 262 11.33 9.48 -36.01
N TYR A 263 10.07 9.88 -36.03
CA TYR A 263 9.18 9.63 -37.16
C TYR A 263 9.38 10.53 -38.38
N LYS A 264 9.86 11.76 -38.14
CA LYS A 264 10.08 12.74 -39.20
C LYS A 264 10.49 12.21 -40.58
N ASP A 265 11.26 11.12 -40.62
CA ASP A 265 11.68 10.54 -41.89
C ASP A 265 11.42 9.03 -41.92
N MET A 266 11.82 8.40 -42.92
N LEU B 1 -2.93 -7.33 1.06
CA LEU B 1 -2.57 -6.74 2.37
C LEU B 1 -3.24 -5.36 2.48
N LYS B 2 -3.40 -4.71 1.33
CA LYS B 2 -4.04 -3.41 1.26
C LYS B 2 -5.51 -3.61 1.59
N ALA B 3 -6.11 -4.65 1.00
CA ALA B 3 -7.52 -4.96 1.21
C ALA B 3 -7.76 -5.50 2.61
N PHE B 4 -6.70 -6.06 3.21
CA PHE B 4 -6.78 -6.61 4.55
C PHE B 4 -6.87 -5.45 5.56
N SER B 5 -5.93 -4.52 5.46
CA SER B 5 -5.88 -3.36 6.36
C SER B 5 -7.13 -2.50 6.22
N LYS B 6 -7.68 -2.45 5.02
CA LYS B 6 -8.89 -1.68 4.72
C LYS B 6 -10.11 -2.33 5.36
N HIS B 7 -10.16 -3.65 5.38
CA HIS B 7 -11.27 -4.35 5.99
C HIS B 7 -11.25 -4.14 7.49
N ILE B 8 -10.04 -4.08 8.06
CA ILE B 8 -9.90 -3.85 9.49
C ILE B 8 -10.22 -2.39 9.85
N TYR B 9 -9.98 -1.47 8.92
CA TYR B 9 -10.27 -0.06 9.13
C TYR B 9 -11.78 0.17 9.22
N ASN B 10 -12.52 -0.49 8.33
CA ASN B 10 -13.97 -0.39 8.30
C ASN B 10 -14.60 -1.05 9.53
N ALA B 11 -14.05 -2.20 9.91
CA ALA B 11 -14.55 -2.91 11.07
C ALA B 11 -14.41 -1.96 12.26
N TYR B 12 -13.31 -1.23 12.29
CA TYR B 12 -13.02 -0.27 13.35
C TYR B 12 -14.01 0.91 13.32
N LEU B 13 -14.32 1.42 12.12
CA LEU B 13 -15.25 2.53 12.01
C LEU B 13 -16.68 2.19 12.39
N LYS B 14 -17.08 0.94 12.20
CA LYS B 14 -18.44 0.56 12.52
C LYS B 14 -18.60 -0.07 13.89
N ASN B 15 -17.52 -0.20 14.64
CA ASN B 15 -17.65 -0.78 15.97
C ASN B 15 -17.36 0.22 17.09
N PHE B 16 -16.63 1.28 16.77
CA PHE B 16 -16.30 2.30 17.76
C PHE B 16 -17.03 3.62 17.47
N ASN B 17 -17.94 3.99 18.37
CA ASN B 17 -18.73 5.22 18.22
C ASN B 17 -17.87 6.47 18.11
N MET B 18 -16.98 6.65 19.07
CA MET B 18 -16.10 7.82 19.09
C MET B 18 -14.75 7.51 18.45
N THR B 19 -14.45 8.15 17.33
CA THR B 19 -13.16 7.94 16.66
C THR B 19 -12.25 9.11 17.00
N LYS B 20 -10.95 8.94 16.79
CA LYS B 20 -9.99 10.00 17.07
C LYS B 20 -10.27 11.18 16.16
N LYS B 21 -10.63 10.89 14.92
CA LYS B 21 -10.94 11.94 13.96
C LYS B 21 -12.43 12.20 14.06
N LYS B 22 -12.77 12.84 15.16
CA LYS B 22 -14.13 13.19 15.52
C LYS B 22 -13.92 13.77 16.92
N ALA B 23 -13.13 13.06 17.71
CA ALA B 23 -12.79 13.50 19.06
C ALA B 23 -11.98 14.77 18.86
N ARG B 24 -11.20 14.79 17.79
CA ARG B 24 -10.38 15.95 17.48
C ARG B 24 -11.26 17.05 16.92
N SER B 25 -12.46 16.68 16.49
CA SER B 25 -13.41 17.66 15.95
C SER B 25 -14.18 18.34 17.09
N ILE B 26 -14.25 17.66 18.24
CA ILE B 26 -14.92 18.20 19.42
C ILE B 26 -13.88 18.19 20.53
N LEU B 27 -12.85 19.00 20.32
CA LEU B 27 -11.71 19.14 21.21
C LEU B 27 -10.69 19.69 20.20
N THR B 28 -10.04 20.81 20.51
CA THR B 28 -9.07 21.35 19.57
C THR B 28 -8.46 22.71 19.89
N GLY B 29 -9.19 23.76 19.53
CA GLY B 29 -8.77 25.12 19.75
C GLY B 29 -9.94 25.99 19.33
N LYS B 30 -10.68 25.48 18.35
CA LYS B 30 -11.87 26.14 17.84
C LYS B 30 -12.79 25.03 17.34
N ALA B 31 -13.61 25.33 16.33
CA ALA B 31 -14.55 24.37 15.77
C ALA B 31 -15.50 23.97 16.90
N SER B 32 -16.01 24.99 17.60
CA SER B 32 -16.92 24.81 18.73
C SER B 32 -18.27 24.21 18.32
N HIS B 33 -18.25 23.36 17.30
CA HIS B 33 -19.46 22.71 16.80
C HIS B 33 -20.06 21.75 17.83
N THR B 34 -19.57 21.83 19.07
CA THR B 34 -20.05 20.98 20.16
C THR B 34 -19.83 21.64 21.52
N ALA B 35 -18.58 21.97 21.81
CA ALA B 35 -18.22 22.59 23.08
C ALA B 35 -18.61 21.68 24.24
N PRO B 36 -17.67 20.88 24.77
CA PRO B 36 -17.91 19.95 25.87
C PRO B 36 -18.08 20.63 27.23
N PHE B 37 -19.05 20.13 28.01
CA PHE B 37 -19.29 20.66 29.35
C PHE B 37 -18.11 20.22 30.23
N VAL B 38 -17.43 21.19 30.84
CA VAL B 38 -16.27 20.92 31.67
C VAL B 38 -16.55 20.56 33.13
N ILE B 39 -16.25 19.31 33.50
CA ILE B 39 -16.43 18.83 34.86
C ILE B 39 -15.07 18.98 35.55
N HIS B 40 -15.00 19.78 36.61
CA HIS B 40 -13.71 19.98 37.28
C HIS B 40 -13.80 19.97 38.80
N ASP B 41 -15.02 19.82 39.31
CA ASP B 41 -15.30 19.74 40.75
C ASP B 41 -16.63 19.03 40.95
N ILE B 42 -17.13 19.03 42.18
CA ILE B 42 -18.39 18.36 42.51
C ILE B 42 -19.67 18.94 41.89
N GLU B 43 -19.80 20.27 41.90
CA GLU B 43 -21.00 20.90 41.35
C GLU B 43 -21.16 20.62 39.87
N THR B 44 -20.11 20.88 39.09
CA THR B 44 -20.20 20.64 37.66
C THR B 44 -20.52 19.17 37.38
N LEU B 45 -19.90 18.26 38.12
CA LEU B 45 -20.17 16.85 37.92
C LEU B 45 -21.64 16.54 38.22
N TRP B 46 -22.14 17.12 39.31
CA TRP B 46 -23.53 16.89 39.68
C TRP B 46 -24.46 17.42 38.59
N GLN B 47 -24.13 18.56 38.01
CA GLN B 47 -24.97 19.10 36.96
C GLN B 47 -24.66 18.42 35.64
N ALA B 48 -23.57 17.66 35.59
CA ALA B 48 -23.24 16.92 34.37
C ALA B 48 -24.12 15.68 34.47
N GLU B 49 -24.21 15.15 35.68
CA GLU B 49 -25.03 13.97 35.95
C GLU B 49 -26.49 14.32 35.69
N LYS B 50 -26.74 15.58 35.38
CA LYS B 50 -28.08 16.07 35.10
C LYS B 50 -28.18 16.62 33.68
N GLY B 51 -27.35 17.62 33.39
CA GLY B 51 -27.35 18.25 32.08
C GLY B 51 -26.70 17.46 30.97
N LEU B 52 -26.81 16.13 31.05
CA LEU B 52 -26.25 15.24 30.05
C LEU B 52 -27.15 13.99 30.02
N VAL B 53 -27.90 13.82 31.12
CA VAL B 53 -28.86 12.73 31.30
C VAL B 53 -28.39 11.28 31.19
N TRP B 54 -27.96 10.67 32.30
CA TRP B 54 -27.48 9.29 32.25
C TRP B 54 -28.53 8.30 32.77
N LYS B 55 -28.19 7.63 33.84
CA LYS B 55 -29.15 6.71 34.39
C LYS B 55 -28.93 7.00 35.85
N GLN B 56 -28.69 6.00 36.67
CA GLN B 56 -28.36 6.25 38.08
C GLN B 56 -29.09 7.39 38.81
N LEU B 57 -30.23 7.15 39.45
CA LEU B 57 -30.93 8.28 40.08
C LEU B 57 -30.02 9.36 40.73
N VAL B 58 -30.34 10.63 40.46
CA VAL B 58 -29.54 11.77 40.96
C VAL B 58 -28.08 11.44 40.68
N ASN B 59 -27.16 12.10 41.38
CA ASN B 59 -25.73 11.83 41.19
C ASN B 59 -25.30 10.92 42.30
N GLY B 60 -24.18 10.22 42.12
CA GLY B 60 -23.71 9.38 43.20
C GLY B 60 -23.34 10.37 44.30
N LEU B 61 -22.46 9.96 45.20
CA LEU B 61 -22.01 10.86 46.26
C LEU B 61 -23.00 11.05 47.42
N PRO B 62 -23.49 9.97 48.07
CA PRO B 62 -24.43 10.10 49.22
C PRO B 62 -23.65 9.86 50.51
N PRO B 63 -24.30 9.40 51.60
CA PRO B 63 -23.45 9.19 52.78
C PRO B 63 -22.58 7.94 52.60
N TYR B 64 -23.18 6.89 52.04
CA TYR B 64 -22.48 5.62 51.80
C TYR B 64 -21.65 5.62 50.52
N LYS B 65 -21.59 6.76 49.83
CA LYS B 65 -20.81 6.88 48.61
C LYS B 65 -20.12 8.23 48.61
N GLU B 66 -19.16 8.40 47.72
CA GLU B 66 -18.40 9.63 47.65
C GLU B 66 -18.05 9.99 46.22
N ILE B 67 -17.42 11.15 46.03
CA ILE B 67 -17.04 11.59 44.70
C ILE B 67 -16.03 10.65 44.07
N SER B 68 -14.97 10.33 44.81
CA SER B 68 -13.93 9.46 44.30
C SER B 68 -14.45 8.10 43.84
N VAL B 69 -15.38 7.52 44.60
CA VAL B 69 -15.93 6.22 44.25
C VAL B 69 -16.90 6.28 43.08
N HIS B 70 -17.68 7.35 43.02
CA HIS B 70 -18.63 7.51 41.94
C HIS B 70 -17.91 7.68 40.60
N VAL B 71 -16.74 8.31 40.65
CA VAL B 71 -15.94 8.53 39.45
C VAL B 71 -15.38 7.17 39.00
N PHE B 72 -14.92 6.40 39.97
CA PHE B 72 -14.38 5.09 39.70
C PHE B 72 -15.46 4.26 38.99
N TYR B 73 -16.71 4.39 39.44
CA TYR B 73 -17.80 3.65 38.83
C TYR B 73 -18.04 4.08 37.38
N ARG B 74 -17.91 5.37 37.10
CA ARG B 74 -18.10 5.81 35.73
C ARG B 74 -16.99 5.26 34.86
N CYS B 75 -15.83 5.01 35.46
CA CYS B 75 -14.70 4.46 34.72
C CYS B 75 -14.94 3.01 34.29
N GLN B 76 -15.39 2.15 35.20
CA GLN B 76 -15.62 0.77 34.79
C GLN B 76 -16.86 0.63 33.91
N CYS B 77 -17.80 1.55 34.06
CA CYS B 77 -18.99 1.53 33.22
C CYS B 77 -18.47 1.69 31.78
N THR B 78 -17.65 2.72 31.57
CA THR B 78 -17.07 2.99 30.26
C THR B 78 -16.20 1.83 29.80
N THR B 79 -15.26 1.42 30.64
CA THR B 79 -14.36 0.32 30.31
C THR B 79 -15.09 -0.94 29.87
N VAL B 80 -16.18 -1.24 30.55
CA VAL B 80 -16.97 -2.43 30.23
C VAL B 80 -17.71 -2.29 28.89
N GLU B 81 -18.13 -1.06 28.57
CA GLU B 81 -18.82 -0.79 27.31
C GLU B 81 -17.83 -0.92 26.16
N THR B 82 -16.60 -0.43 26.38
CA THR B 82 -15.56 -0.52 25.37
C THR B 82 -15.14 -1.96 25.13
N VAL B 83 -15.19 -2.79 26.17
CA VAL B 83 -14.86 -4.21 26.05
C VAL B 83 -15.87 -4.80 25.08
N ARG B 84 -17.10 -4.31 25.20
CA ARG B 84 -18.17 -4.79 24.35
C ARG B 84 -17.82 -4.54 22.90
N GLU B 85 -17.45 -3.29 22.61
CA GLU B 85 -17.07 -2.87 21.26
C GLU B 85 -15.84 -3.63 20.77
N LEU B 86 -14.84 -3.78 21.62
CA LEU B 86 -13.63 -4.49 21.23
C LEU B 86 -13.98 -5.93 20.83
N THR B 87 -14.91 -6.55 21.57
CA THR B 87 -15.34 -7.92 21.26
C THR B 87 -15.93 -8.01 19.86
N GLU B 88 -16.86 -7.11 19.55
CA GLU B 88 -17.50 -7.08 18.23
C GLU B 88 -16.47 -6.79 17.14
N PHE B 89 -15.55 -5.87 17.44
CA PHE B 89 -14.49 -5.49 16.51
C PHE B 89 -13.62 -6.70 16.20
N ALA B 90 -13.24 -7.43 17.24
CA ALA B 90 -12.40 -8.62 17.08
C ALA B 90 -13.09 -9.64 16.19
N LYS B 91 -14.38 -9.87 16.43
CA LYS B 91 -15.12 -10.84 15.64
C LYS B 91 -15.16 -10.47 14.16
N SER B 92 -14.84 -9.21 13.85
CA SER B 92 -14.84 -8.77 12.46
C SER B 92 -13.47 -8.96 11.85
N ILE B 93 -12.47 -9.20 12.69
CA ILE B 93 -11.12 -9.40 12.17
C ILE B 93 -11.05 -10.77 11.51
N PRO B 94 -10.66 -10.80 10.22
CA PRO B 94 -10.53 -12.00 9.39
C PRO B 94 -10.55 -13.35 10.11
N SER B 95 -9.37 -13.77 10.54
CA SER B 95 -9.18 -15.06 11.19
C SER B 95 -9.53 -15.20 12.68
N PHE B 96 -9.91 -14.10 13.34
CA PHE B 96 -10.23 -14.19 14.76
C PHE B 96 -11.39 -15.17 15.02
N SER B 97 -12.50 -14.98 14.31
CA SER B 97 -13.68 -15.83 14.47
C SER B 97 -13.44 -17.31 14.21
N SER B 98 -12.45 -17.63 13.39
CA SER B 98 -12.15 -19.03 13.09
C SER B 98 -11.46 -19.72 14.26
N LEU B 99 -10.95 -18.92 15.20
CA LEU B 99 -10.32 -19.49 16.39
C LEU B 99 -11.48 -20.02 17.24
N PHE B 100 -11.22 -21.04 18.05
CA PHE B 100 -12.28 -21.56 18.91
C PHE B 100 -12.63 -20.50 19.95
N LEU B 101 -13.89 -20.53 20.36
CA LEU B 101 -14.39 -19.57 21.33
C LEU B 101 -13.53 -19.38 22.57
N ASN B 102 -12.96 -20.46 23.10
CA ASN B 102 -12.12 -20.33 24.28
C ASN B 102 -10.87 -19.49 24.03
N ASP B 103 -10.29 -19.59 22.82
CA ASP B 103 -9.12 -18.81 22.51
C ASP B 103 -9.50 -17.37 22.26
N GLN B 104 -10.68 -17.13 21.73
CA GLN B 104 -11.11 -15.76 21.52
C GLN B 104 -11.21 -15.06 22.87
N VAL B 105 -11.70 -15.80 23.86
CA VAL B 105 -11.88 -15.25 25.20
C VAL B 105 -10.56 -14.95 25.87
N THR B 106 -9.61 -15.88 25.77
CA THR B 106 -8.29 -15.69 26.35
C THR B 106 -7.65 -14.43 25.78
N LEU B 107 -7.69 -14.27 24.45
CA LEU B 107 -7.11 -13.12 23.80
C LEU B 107 -7.71 -11.80 24.28
N LEU B 108 -9.03 -11.77 24.43
CA LEU B 108 -9.72 -10.57 24.88
C LEU B 108 -9.42 -10.27 26.34
N LYS B 109 -9.36 -11.34 27.13
CA LYS B 109 -9.11 -11.23 28.56
C LYS B 109 -7.82 -10.46 28.88
N TYR B 110 -6.73 -10.90 28.25
CA TYR B 110 -5.42 -10.30 28.44
C TYR B 110 -5.13 -9.15 27.50
N GLY B 111 -6.04 -8.89 26.57
CA GLY B 111 -5.81 -7.83 25.62
C GLY B 111 -6.67 -6.59 25.65
N VAL B 112 -7.92 -6.69 26.11
CA VAL B 112 -8.80 -5.50 26.08
C VAL B 112 -8.28 -4.26 26.82
N HIS B 113 -7.68 -4.42 27.99
CA HIS B 113 -7.20 -3.22 28.66
C HIS B 113 -6.03 -2.57 27.94
N GLU B 114 -5.18 -3.37 27.29
CA GLU B 114 -4.06 -2.81 26.54
C GLU B 114 -4.64 -1.98 25.40
N ALA B 115 -5.71 -2.48 24.78
CA ALA B 115 -6.37 -1.78 23.69
C ALA B 115 -7.13 -0.55 24.20
N ILE B 116 -7.69 -0.64 25.40
CA ILE B 116 -8.43 0.49 25.92
C ILE B 116 -7.51 1.65 26.28
N PHE B 117 -6.34 1.34 26.83
CA PHE B 117 -5.44 2.40 27.18
C PHE B 117 -4.83 3.06 25.96
N ALA B 118 -4.71 2.33 24.86
CA ALA B 118 -4.16 2.91 23.65
C ALA B 118 -5.20 3.90 23.05
N MET B 119 -6.45 3.44 22.90
CA MET B 119 -7.51 4.27 22.32
C MET B 119 -7.88 5.42 23.24
N LEU B 120 -7.46 5.33 24.50
CA LEU B 120 -7.76 6.36 25.46
C LEU B 120 -7.06 7.64 25.03
N ALA B 121 -5.96 7.51 24.31
CA ALA B 121 -5.23 8.68 23.83
C ALA B 121 -6.07 9.51 22.87
N SER B 122 -6.84 8.86 22.01
CA SER B 122 -7.70 9.54 21.05
C SER B 122 -8.66 10.60 21.60
N ILE B 123 -9.01 10.48 22.88
CA ILE B 123 -9.93 11.43 23.47
C ILE B 123 -9.28 12.17 24.65
N VAL B 124 -7.96 12.08 24.72
CA VAL B 124 -7.20 12.71 25.79
C VAL B 124 -6.60 14.04 25.39
N ASN B 125 -6.45 14.92 26.38
CA ASN B 125 -5.90 16.24 26.20
C ASN B 125 -4.80 16.41 27.23
N LYS B 126 -4.13 17.55 27.21
CA LYS B 126 -3.07 17.81 28.17
C LYS B 126 -3.69 18.02 29.55
N ASP B 127 -4.90 18.55 29.56
CA ASP B 127 -5.59 18.84 30.82
C ASP B 127 -6.99 18.25 30.90
N GLY B 128 -7.23 17.19 30.13
CA GLY B 128 -8.55 16.60 30.17
C GLY B 128 -8.83 15.47 29.22
N LEU B 129 -10.04 14.93 29.34
CA LEU B 129 -10.46 13.81 28.52
C LEU B 129 -11.95 13.98 28.30
N LEU B 130 -12.42 13.63 27.11
CA LEU B 130 -13.83 13.73 26.76
C LEU B 130 -14.63 12.60 27.40
N VAL B 131 -15.91 12.84 27.65
CA VAL B 131 -16.75 11.82 28.25
C VAL B 131 -18.16 11.81 27.68
N ALA B 132 -18.79 10.65 27.76
CA ALA B 132 -20.15 10.47 27.29
C ALA B 132 -20.44 11.10 25.92
N ASN B 133 -20.19 10.31 24.87
CA ASN B 133 -20.49 10.79 23.51
C ASN B 133 -19.73 12.07 23.18
N GLY B 134 -18.85 12.52 24.08
CA GLY B 134 -18.11 13.74 23.83
C GLY B 134 -18.85 14.95 24.37
N SER B 135 -20.05 14.71 24.92
CA SER B 135 -20.87 15.79 25.50
C SER B 135 -20.16 16.40 26.71
N GLY B 136 -19.40 15.59 27.43
CA GLY B 136 -18.68 16.08 28.59
C GLY B 136 -17.16 16.07 28.43
N PHE B 137 -16.48 16.81 29.30
CA PHE B 137 -15.03 16.89 29.30
C PHE B 137 -14.51 17.02 30.73
N VAL B 138 -14.01 15.91 31.28
CA VAL B 138 -13.52 15.91 32.66
C VAL B 138 -12.07 16.36 32.71
N THR B 139 -11.74 17.19 33.71
CA THR B 139 -10.39 17.71 33.81
C THR B 139 -9.41 16.80 34.55
N ARG B 140 -8.18 16.78 34.03
CA ARG B 140 -7.10 15.99 34.59
C ARG B 140 -6.83 16.40 36.03
N GLU B 141 -6.92 17.71 36.28
CA GLU B 141 -6.70 18.23 37.62
C GLU B 141 -7.77 17.70 38.58
N PHE B 142 -9.03 17.75 38.15
CA PHE B 142 -10.12 17.25 38.98
C PHE B 142 -9.85 15.79 39.33
N LEU B 143 -9.47 15.01 38.32
CA LEU B 143 -9.19 13.60 38.55
C LEU B 143 -8.06 13.40 39.54
N ARG B 144 -7.03 14.23 39.45
CA ARG B 144 -5.89 14.12 40.36
C ARG B 144 -6.24 14.47 41.80
N SER B 145 -7.27 15.28 41.99
CA SER B 145 -7.68 15.68 43.32
C SER B 145 -8.53 14.62 44.00
N LEU B 146 -8.81 13.53 43.28
CA LEU B 146 -9.63 12.47 43.84
C LEU B 146 -8.96 11.86 45.06
N ARG B 147 -9.78 11.36 45.96
CA ARG B 147 -9.30 10.74 47.18
C ARG B 147 -8.11 9.79 46.95
N LYS B 148 -7.23 9.77 47.94
CA LYS B 148 -5.99 9.02 47.99
C LYS B 148 -5.76 7.77 47.14
N PRO B 149 -6.70 6.82 47.13
CA PRO B 149 -6.48 5.61 46.31
C PRO B 149 -6.84 5.72 44.82
N PHE B 150 -8.05 6.20 44.55
CA PHE B 150 -8.53 6.32 43.19
C PHE B 150 -7.83 7.37 42.35
N SER B 151 -7.07 8.25 43.00
CA SER B 151 -6.36 9.32 42.30
C SER B 151 -5.16 8.90 41.44
N ASP B 152 -4.51 7.80 41.80
CA ASP B 152 -3.34 7.35 41.05
C ASP B 152 -3.55 6.24 40.04
N ILE B 153 -4.80 5.85 39.81
CA ILE B 153 -5.06 4.80 38.84
C ILE B 153 -5.42 5.37 37.47
N ILE B 154 -5.47 6.69 37.37
CA ILE B 154 -5.80 7.33 36.10
C ILE B 154 -4.71 8.22 35.53
N GLU B 155 -3.89 8.81 36.40
CA GLU B 155 -2.81 9.70 35.98
C GLU B 155 -1.73 9.02 35.13
N PRO B 156 -1.38 7.76 35.45
CA PRO B 156 -0.36 7.07 34.65
C PRO B 156 -0.80 6.88 33.21
N LYS B 157 -2.11 6.74 33.02
CA LYS B 157 -2.67 6.56 31.68
C LYS B 157 -2.66 7.86 30.88
N PHE B 158 -2.57 8.99 31.58
CA PHE B 158 -2.52 10.30 30.94
C PHE B 158 -1.09 10.47 30.44
N GLU B 159 -0.13 10.19 31.31
CA GLU B 159 1.28 10.33 30.97
C GLU B 159 1.74 9.34 29.90
N PHE B 160 0.83 8.47 29.46
CA PHE B 160 1.15 7.51 28.40
C PHE B 160 0.49 8.04 27.14
N ALA B 161 -0.75 8.50 27.30
CA ALA B 161 -1.55 9.05 26.20
C ALA B 161 -0.92 10.27 25.55
N VAL B 162 -0.29 11.12 26.36
CA VAL B 162 0.34 12.33 25.86
C VAL B 162 1.53 11.96 25.00
N LYS B 163 2.40 11.10 25.53
CA LYS B 163 3.55 10.66 24.77
C LYS B 163 3.07 9.91 23.53
N PHE B 164 2.03 9.08 23.69
CA PHE B 164 1.51 8.32 22.56
C PHE B 164 1.05 9.24 21.43
N ASN B 165 0.35 10.31 21.76
CA ASN B 165 -0.12 11.25 20.75
C ASN B 165 1.01 11.96 20.01
N ALA B 166 2.22 11.89 20.55
CA ALA B 166 3.36 12.51 19.91
C ALA B 166 3.68 11.81 18.58
N LEU B 167 3.17 10.60 18.41
CA LEU B 167 3.40 9.82 17.19
C LEU B 167 2.40 10.21 16.10
N GLU B 168 1.37 10.93 16.51
CA GLU B 168 0.35 11.41 15.57
C GLU B 168 -0.22 10.36 14.62
N LEU B 169 -0.80 9.30 15.16
CA LEU B 169 -1.39 8.26 14.33
C LEU B 169 -2.85 8.66 14.06
N ASP B 170 -3.42 8.17 12.98
CA ASP B 170 -4.82 8.47 12.69
C ASP B 170 -5.61 7.20 12.98
N ASP B 171 -6.90 7.21 12.68
CA ASP B 171 -7.74 6.06 12.92
C ASP B 171 -7.38 4.80 12.11
N SER B 172 -6.97 4.98 10.86
CA SER B 172 -6.60 3.85 10.02
C SER B 172 -5.44 3.10 10.64
N ASP B 173 -4.47 3.85 11.15
CA ASP B 173 -3.30 3.24 11.80
C ASP B 173 -3.77 2.51 13.04
N LEU B 174 -4.41 3.26 13.91
CA LEU B 174 -4.94 2.76 15.17
C LEU B 174 -5.71 1.46 15.00
N ALA B 175 -6.38 1.31 13.86
CA ALA B 175 -7.17 0.13 13.59
C ALA B 175 -6.29 -1.10 13.56
N LEU B 176 -5.17 -0.99 12.86
CA LEU B 176 -4.22 -2.08 12.76
C LEU B 176 -3.47 -2.27 14.08
N PHE B 177 -3.21 -1.18 14.78
CA PHE B 177 -2.47 -1.27 16.03
C PHE B 177 -3.27 -2.03 17.10
N ILE B 178 -4.56 -1.76 17.18
CA ILE B 178 -5.41 -2.43 18.16
C ILE B 178 -5.61 -3.89 17.81
N ALA B 179 -5.82 -4.19 16.52
CA ALA B 179 -6.02 -5.57 16.10
C ALA B 179 -4.76 -6.37 16.46
N ALA B 180 -3.60 -5.72 16.31
CA ALA B 180 -2.32 -6.37 16.62
C ALA B 180 -2.19 -6.67 18.09
N ILE B 181 -2.70 -5.77 18.93
CA ILE B 181 -2.69 -5.95 20.37
C ILE B 181 -3.54 -7.15 20.81
N ILE B 182 -4.71 -7.30 20.20
CA ILE B 182 -5.62 -8.38 20.54
C ILE B 182 -5.09 -9.74 20.07
N LEU B 183 -4.47 -9.78 18.89
CA LEU B 183 -3.90 -11.02 18.35
C LEU B 183 -2.49 -11.24 18.87
N CYS B 184 -2.36 -11.49 20.16
CA CYS B 184 -1.07 -11.71 20.81
C CYS B 184 -0.95 -13.20 21.13
N GLY B 185 0.00 -13.87 20.47
CA GLY B 185 0.16 -15.30 20.67
C GLY B 185 0.85 -15.71 21.95
N ASP B 186 1.15 -14.74 22.81
CA ASP B 186 1.83 -15.04 24.04
C ASP B 186 0.97 -15.01 25.30
N ARG B 187 -0.34 -14.83 25.14
CA ARG B 187 -1.19 -14.79 26.31
C ARG B 187 -1.19 -16.15 26.97
N PRO B 188 -1.32 -16.20 28.31
CA PRO B 188 -1.32 -17.47 29.03
C PRO B 188 -2.61 -18.28 28.92
N GLY B 189 -2.47 -19.52 28.51
CA GLY B 189 -3.63 -20.37 28.39
C GLY B 189 -4.09 -20.53 26.97
N LEU B 190 -3.33 -19.95 26.03
CA LEU B 190 -3.67 -20.08 24.62
C LEU B 190 -3.58 -21.53 24.20
N MET B 191 -4.62 -21.99 23.52
CA MET B 191 -4.64 -23.36 23.06
C MET B 191 -3.91 -23.49 21.70
N ASN B 192 -4.27 -22.62 20.76
CA ASN B 192 -3.65 -22.65 19.44
C ASN B 192 -2.75 -21.43 19.21
N VAL B 193 -1.58 -21.46 19.81
CA VAL B 193 -0.59 -20.39 19.70
C VAL B 193 -0.10 -20.16 18.27
N PRO B 194 0.22 -21.25 17.53
CA PRO B 194 0.70 -21.05 16.16
C PRO B 194 -0.27 -20.28 15.29
N ARG B 195 -1.56 -20.65 15.36
CA ARG B 195 -2.56 -19.95 14.55
C ARG B 195 -2.60 -18.46 14.90
N VAL B 196 -2.59 -18.14 16.18
CA VAL B 196 -2.64 -16.75 16.62
C VAL B 196 -1.37 -16.01 16.17
N GLU B 197 -0.20 -16.61 16.37
CA GLU B 197 1.04 -15.95 15.93
C GLU B 197 0.98 -15.66 14.42
N ALA B 198 0.36 -16.57 13.67
CA ALA B 198 0.25 -16.39 12.23
C ALA B 198 -0.61 -15.21 11.88
N ILE B 199 -1.77 -15.11 12.51
CA ILE B 199 -2.64 -13.98 12.26
C ILE B 199 -1.89 -12.71 12.66
N GLN B 200 -1.29 -12.72 13.85
CA GLN B 200 -0.57 -11.54 14.32
C GLN B 200 0.46 -11.06 13.30
N ASP B 201 1.29 -11.98 12.80
CA ASP B 201 2.31 -11.59 11.84
C ASP B 201 1.74 -10.82 10.64
N THR B 202 0.59 -11.26 10.13
CA THR B 202 0.01 -10.57 8.98
C THR B 202 -0.46 -9.18 9.38
N ILE B 203 -1.08 -9.07 10.54
CA ILE B 203 -1.53 -7.75 10.99
C ILE B 203 -0.31 -6.84 11.07
N LEU B 204 0.77 -7.35 11.65
CA LEU B 204 2.02 -6.61 11.80
C LEU B 204 2.66 -6.25 10.47
N ARG B 205 2.56 -7.13 9.47
CA ARG B 205 3.12 -6.81 8.17
C ARG B 205 2.21 -5.77 7.53
N ALA B 206 0.90 -5.96 7.66
CA ALA B 206 -0.06 -5.02 7.11
C ALA B 206 0.24 -3.65 7.73
N LEU B 207 0.41 -3.64 9.05
CA LEU B 207 0.69 -2.41 9.76
C LEU B 207 1.95 -1.75 9.19
N GLU B 208 3.02 -2.53 9.12
CA GLU B 208 4.30 -2.04 8.58
C GLU B 208 4.09 -1.21 7.33
N PHE B 209 3.57 -1.85 6.30
CA PHE B 209 3.33 -1.21 5.04
C PHE B 209 2.45 0.02 5.18
N HIS B 210 1.23 -0.17 5.67
CA HIS B 210 0.30 0.94 5.86
C HIS B 210 1.04 2.19 6.32
N LEU B 211 1.98 2.01 7.24
CA LEU B 211 2.77 3.12 7.76
C LEU B 211 3.61 3.75 6.68
N GLN B 212 4.32 2.92 5.91
CA GLN B 212 5.15 3.44 4.83
C GLN B 212 4.32 4.41 3.98
N ALA B 213 3.10 4.01 3.65
CA ALA B 213 2.20 4.84 2.87
C ALA B 213 1.77 6.06 3.69
N ASN B 214 0.91 5.81 4.68
CA ASN B 214 0.39 6.87 5.53
C ASN B 214 1.42 7.79 6.17
N HIS B 215 2.56 7.24 6.57
CA HIS B 215 3.61 8.06 7.20
C HIS B 215 4.97 7.81 6.56
N PRO B 216 5.37 8.64 5.59
CA PRO B 216 6.61 8.54 4.83
C PRO B 216 7.79 9.20 5.52
N ASP B 217 7.48 10.27 6.22
CA ASP B 217 8.45 11.12 6.87
C ASP B 217 9.18 10.67 8.11
N ALA B 218 8.43 10.16 9.07
CA ALA B 218 8.99 9.74 10.35
C ALA B 218 10.19 8.82 10.22
N GLN B 219 10.59 8.24 11.35
CA GLN B 219 11.73 7.33 11.37
C GLN B 219 11.51 6.32 12.49
N GLN B 220 11.43 5.04 12.13
CA GLN B 220 11.25 4.03 13.14
C GLN B 220 9.91 4.23 13.86
N LEU B 221 8.84 4.33 13.07
CA LEU B 221 7.52 4.51 13.65
C LEU B 221 6.99 3.12 14.06
N PHE B 222 7.11 2.17 13.14
CA PHE B 222 6.67 0.78 13.32
C PHE B 222 7.17 0.18 14.67
N PRO B 223 8.48 0.22 14.93
CA PRO B 223 9.23 -0.24 16.12
C PRO B 223 9.04 0.69 17.33
N LYS B 224 8.62 1.92 17.05
CA LYS B 224 8.36 2.85 18.14
C LYS B 224 7.04 2.32 18.71
N LEU B 225 6.18 1.84 17.81
CA LEU B 225 4.88 1.30 18.17
C LEU B 225 4.97 -0.08 18.80
N LEU B 226 5.96 -0.85 18.38
CA LEU B 226 6.15 -2.17 18.95
C LEU B 226 6.57 -1.97 20.39
N GLN B 227 7.40 -0.95 20.62
CA GLN B 227 7.85 -0.68 21.97
C GLN B 227 6.68 -0.22 22.82
N LYS B 228 5.75 0.50 22.19
CA LYS B 228 4.56 0.98 22.90
C LYS B 228 3.69 -0.20 23.32
N MET B 229 3.66 -1.25 22.49
CA MET B 229 2.88 -2.44 22.81
C MET B 229 3.48 -3.05 24.07
N ALA B 230 4.81 -3.00 24.18
CA ALA B 230 5.50 -3.52 25.35
C ALA B 230 5.18 -2.61 26.55
N ASP B 231 5.18 -1.29 26.30
CA ASP B 231 4.87 -0.32 27.34
C ASP B 231 3.47 -0.61 27.86
N LEU B 232 2.53 -0.78 26.92
CA LEU B 232 1.14 -1.05 27.26
C LEU B 232 0.98 -2.29 28.15
N ARG B 233 1.77 -3.32 27.89
CA ARG B 233 1.66 -4.52 28.69
C ARG B 233 2.11 -4.25 30.12
N GLN B 234 3.03 -3.30 30.28
CA GLN B 234 3.51 -2.95 31.62
C GLN B 234 2.48 -2.07 32.32
N LEU B 235 1.83 -1.20 31.56
CA LEU B 235 0.80 -0.32 32.11
C LEU B 235 -0.35 -1.16 32.70
N VAL B 236 -0.78 -2.19 31.97
CA VAL B 236 -1.86 -3.04 32.43
C VAL B 236 -1.47 -3.81 33.69
N THR B 237 -0.23 -4.29 33.75
CA THR B 237 0.26 -5.02 34.91
C THR B 237 0.09 -4.19 36.20
N GLU B 238 0.53 -2.94 36.15
CA GLU B 238 0.43 -2.08 37.30
C GLU B 238 -1.05 -1.80 37.57
N HIS B 239 -1.81 -1.61 36.51
CA HIS B 239 -3.24 -1.35 36.65
C HIS B 239 -3.88 -2.51 37.40
N ALA B 240 -3.62 -3.73 36.93
CA ALA B 240 -4.16 -4.93 37.58
C ALA B 240 -3.81 -4.94 39.07
N GLN B 241 -2.60 -4.55 39.39
CA GLN B 241 -2.16 -4.51 40.77
C GLN B 241 -2.98 -3.53 41.58
N MET B 242 -3.06 -2.30 41.09
CA MET B 242 -3.84 -1.27 41.76
C MET B 242 -5.28 -1.71 41.96
N MET B 243 -5.83 -2.43 40.97
CA MET B 243 -7.20 -2.89 41.08
C MET B 243 -7.32 -3.96 42.15
N GLN B 244 -6.30 -4.81 42.28
CA GLN B 244 -6.32 -5.87 43.28
C GLN B 244 -6.30 -5.25 44.69
N ARG B 245 -5.43 -4.27 44.88
CA ARG B 245 -5.30 -3.56 46.15
C ARG B 245 -6.62 -2.91 46.55
N ILE B 246 -7.37 -2.42 45.56
CA ILE B 246 -8.66 -1.79 45.82
C ILE B 246 -9.68 -2.83 46.29
N LYS B 247 -9.72 -3.95 45.58
CA LYS B 247 -10.61 -5.06 45.87
C LYS B 247 -10.45 -5.50 47.31
N LYS B 248 -9.22 -5.40 47.82
CA LYS B 248 -8.88 -5.83 49.16
C LYS B 248 -9.03 -4.77 50.25
N THR B 249 -8.88 -3.51 49.87
CA THR B 249 -8.95 -2.42 50.84
C THR B 249 -10.25 -1.63 50.79
N GLU B 250 -10.74 -1.33 49.59
CA GLU B 250 -11.98 -0.57 49.43
C GLU B 250 -13.18 -1.53 49.46
N THR B 251 -13.24 -2.37 50.48
CA THR B 251 -14.31 -3.33 50.64
C THR B 251 -15.70 -2.78 50.37
N GLU B 252 -15.85 -1.46 50.45
CA GLU B 252 -17.14 -0.83 50.22
C GLU B 252 -17.45 -0.63 48.73
N THR B 253 -16.42 -0.35 47.94
CA THR B 253 -16.58 -0.13 46.51
C THR B 253 -16.90 -1.43 45.78
N SER B 254 -17.90 -1.38 44.90
CA SER B 254 -18.30 -2.55 44.14
C SER B 254 -17.60 -2.62 42.78
N LEU B 255 -17.00 -3.76 42.48
CA LEU B 255 -16.31 -3.94 41.21
C LEU B 255 -17.18 -4.77 40.27
N HIS B 256 -17.16 -4.42 38.99
CA HIS B 256 -17.96 -5.15 38.01
C HIS B 256 -17.44 -6.58 37.85
N PRO B 257 -18.35 -7.56 37.87
CA PRO B 257 -18.02 -8.98 37.75
C PRO B 257 -17.20 -9.38 36.51
N LEU B 258 -17.39 -8.66 35.40
CA LEU B 258 -16.64 -8.93 34.17
C LEU B 258 -15.18 -8.55 34.40
N LEU B 259 -14.98 -7.36 34.97
CA LEU B 259 -13.63 -6.88 35.24
C LEU B 259 -12.92 -7.79 36.24
N GLN B 260 -13.69 -8.42 37.13
CA GLN B 260 -13.09 -9.29 38.12
C GLN B 260 -12.64 -10.62 37.54
N GLU B 261 -13.32 -11.07 36.48
CA GLU B 261 -12.95 -12.31 35.80
C GLU B 261 -11.65 -12.10 35.06
N ILE B 262 -11.39 -10.84 34.71
CA ILE B 262 -10.18 -10.47 33.97
C ILE B 262 -8.94 -10.40 34.84
N TYR B 263 -8.99 -9.60 35.90
CA TYR B 263 -7.83 -9.42 36.78
C TYR B 263 -7.53 -10.59 37.72
N LYS B 264 -8.54 -11.43 37.93
CA LYS B 264 -8.45 -12.58 38.82
C LYS B 264 -7.13 -13.37 38.78
N ASP B 265 -6.66 -13.70 37.58
CA ASP B 265 -5.44 -14.48 37.48
C ASP B 265 -4.16 -13.71 37.17
N MET B 266 -4.27 -12.40 36.92
CA MET B 266 -3.09 -11.63 36.62
C MET B 266 -2.23 -11.42 37.86
N TYR B 267 -0.93 -11.21 37.63
CA TYR B 267 0.03 -11.00 38.70
C TYR B 267 1.18 -10.17 38.14
#